data_6NDI
#
_entry.id   6NDI
#
_cell.length_a   180.737
_cell.length_b   110.478
_cell.length_c   37.777
_cell.angle_alpha   90.00
_cell.angle_beta   97.94
_cell.angle_gamma   90.00
#
_symmetry.space_group_name_H-M   'C 1 2 1'
#
loop_
_entity.id
_entity.type
_entity.pdbx_description
1 polymer 'Transcriptional regulator'
2 water water
#
_entity_poly.entity_id   1
_entity_poly.type   'polypeptide(L)'
_entity_poly.pdbx_seq_one_letter_code
;SNA(MSE)ASLKDVAKLANVSL(MSE)TVSRALNTPERLKPETLARVQAAIAETNYVPDLSAKKIRGARATPSTIGVLAL
DTVTTPFSVEITLSIEETARAHGWNSFVVN(MSE)FSDDRPEAVVDLLLSHRPDGIIFTT(MSE)GLRQVPLPEKLLTLP
CVLANCESLSQPVASYIPDDEQGQYDAVKALLAAGYRRPLCLHLPASQPATIRRRRGLERACREAGIEPDHLSHSY
(MSE)GQGDEHYHDIPAVVLAHIREGKPGFDSVICGNDRIAF(MSE)VYQTLLGQGLRIPQDVAVVGYDN(MSE)VGIGD
LFLPPLSTVQLPHYDIGRLSALHIIHGDNHRETRKVASPWLPRASH
;
_entity_poly.pdbx_strand_id   A,B
#
# COMPACT_ATOMS: atom_id res chain seq x y z
N ALA A 62 -17.53 16.84 -30.15
CA ALA A 62 -16.77 17.74 -29.21
C ALA A 62 -16.80 17.13 -27.81
N THR A 63 -15.68 16.53 -27.40
CA THR A 63 -15.55 15.89 -26.07
C THR A 63 -15.16 16.94 -25.04
N PRO A 64 -15.40 16.70 -23.73
CA PRO A 64 -15.01 17.66 -22.70
C PRO A 64 -13.48 17.78 -22.62
N SER A 65 -12.95 18.74 -21.85
CA SER A 65 -11.48 18.92 -21.69
C SER A 65 -10.89 17.70 -20.96
N THR A 66 -9.69 17.29 -21.34
CA THR A 66 -9.07 16.08 -20.72
C THR A 66 -7.63 16.36 -20.26
N ILE A 67 -7.27 15.76 -19.11
CA ILE A 67 -5.90 15.85 -18.52
C ILE A 67 -5.19 14.51 -18.72
N GLY A 68 -4.07 14.52 -19.44
CA GLY A 68 -3.27 13.30 -19.67
C GLY A 68 -2.26 13.18 -18.55
N VAL A 69 -2.18 12.00 -17.89
CA VAL A 69 -1.21 11.84 -16.77
C VAL A 69 -0.23 10.72 -17.11
N LEU A 70 1.05 10.97 -16.86
CA LEU A 70 2.10 9.95 -17.09
C LEU A 70 2.69 9.57 -15.73
N ALA A 71 2.42 8.34 -15.28
CA ALA A 71 2.96 7.84 -14.00
C ALA A 71 4.26 7.09 -14.34
N LEU A 72 5.39 7.56 -13.82
CA LEU A 72 6.72 6.98 -14.17
C LEU A 72 7.05 5.72 -13.36
N ASP A 73 6.47 5.51 -12.17
CA ASP A 73 6.92 4.32 -11.38
C ASP A 73 5.84 3.79 -10.43
N THR A 74 4.58 3.72 -10.89
CA THR A 74 3.47 3.20 -10.05
C THR A 74 3.64 1.69 -9.83
N VAL A 75 4.48 1.08 -10.67
CA VAL A 75 4.76 -0.39 -10.66
C VAL A 75 5.53 -0.77 -9.39
N THR A 76 6.61 -0.05 -9.09
CA THR A 76 7.50 -0.34 -7.93
C THR A 76 6.99 0.29 -6.62
N THR A 77 6.12 1.30 -6.69
CA THR A 77 5.60 1.97 -5.46
C THR A 77 4.15 2.37 -5.64
N PRO A 78 3.19 1.40 -5.57
CA PRO A 78 1.77 1.71 -5.73
C PRO A 78 1.12 2.21 -4.43
N PHE A 79 1.79 3.15 -3.75
CA PHE A 79 1.30 3.73 -2.48
C PHE A 79 0.81 5.14 -2.75
N SER A 80 1.54 5.81 -3.64
CA SER A 80 1.25 7.21 -4.05
C SER A 80 0.15 7.26 -5.10
N VAL A 81 -0.65 6.19 -5.21
CA VAL A 81 -1.75 6.21 -6.22
C VAL A 81 -2.75 7.31 -5.82
N GLU A 82 -2.66 7.79 -4.58
CA GLU A 82 -3.54 8.89 -4.09
C GLU A 82 -3.34 10.12 -4.98
N ILE A 83 -2.19 10.25 -5.64
CA ILE A 83 -1.92 11.40 -6.55
C ILE A 83 -2.84 11.29 -7.76
N THR A 84 -2.73 10.21 -8.52
CA THR A 84 -3.56 9.99 -9.74
C THR A 84 -5.05 9.93 -9.38
N LEU A 85 -5.42 9.36 -8.22
CA LEU A 85 -6.86 9.33 -7.83
C LEU A 85 -7.32 10.77 -7.61
N SER A 86 -6.55 11.54 -6.85
CA SER A 86 -6.87 12.97 -6.55
C SER A 86 -7.03 13.75 -7.86
N ILE A 87 -6.16 13.50 -8.84
CA ILE A 87 -6.24 14.22 -10.15
C ILE A 87 -7.55 13.89 -10.84
N GLU A 88 -7.88 12.59 -10.92
CA GLU A 88 -9.12 12.10 -11.57
C GLU A 88 -10.35 12.70 -10.91
N GLU A 89 -10.38 12.72 -9.58
CA GLU A 89 -11.53 13.25 -8.79
C GLU A 89 -11.65 14.78 -8.99
N THR A 90 -10.53 15.51 -8.91
CA THR A 90 -10.54 16.98 -9.09
C THR A 90 -11.02 17.36 -10.50
N ALA A 91 -10.52 16.65 -11.52
CA ALA A 91 -10.92 16.94 -12.92
C ALA A 91 -12.43 16.73 -13.11
N ARG A 92 -12.99 15.69 -12.51
CA ARG A 92 -14.45 15.39 -12.64
C ARG A 92 -15.28 16.47 -11.94
N ALA A 93 -14.78 17.01 -10.83
CA ALA A 93 -15.50 18.05 -10.07
C ALA A 93 -15.49 19.38 -10.83
N HIS A 94 -14.84 19.41 -12.01
CA HIS A 94 -14.78 20.65 -12.83
C HIS A 94 -15.24 20.37 -14.27
N GLY A 95 -15.86 19.21 -14.51
CA GLY A 95 -16.36 18.88 -15.86
C GLY A 95 -15.27 18.40 -16.81
N TRP A 96 -14.11 18.00 -16.28
CA TRP A 96 -12.98 17.49 -17.10
C TRP A 96 -12.88 15.98 -16.99
N ASN A 97 -12.18 15.36 -17.96
CA ASN A 97 -11.93 13.90 -17.98
C ASN A 97 -10.44 13.72 -17.64
N SER A 98 -9.97 12.48 -17.54
CA SER A 98 -8.55 12.24 -17.22
C SER A 98 -8.21 10.77 -17.44
N PHE A 99 -7.07 10.51 -18.08
CA PHE A 99 -6.62 9.12 -18.30
C PHE A 99 -5.22 9.01 -17.69
N VAL A 100 -4.74 7.78 -17.48
CA VAL A 100 -3.40 7.61 -16.87
C VAL A 100 -2.63 6.54 -17.65
N VAL A 101 -1.41 6.90 -18.06
CA VAL A 101 -0.50 5.98 -18.78
C VAL A 101 0.61 5.62 -17.79
N ASN A 102 0.71 4.35 -17.43
CA ASN A 102 1.73 3.86 -16.46
C ASN A 102 2.92 3.36 -17.25
N PHE A 104 5.96 1.00 -17.42
CA PHE A 104 6.49 -0.24 -16.84
C PHE A 104 7.99 -0.27 -17.09
N SER A 105 8.64 -1.41 -16.78
CA SER A 105 10.11 -1.52 -16.97
C SER A 105 10.44 -1.90 -18.41
N ASP A 106 9.69 -2.87 -18.97
CA ASP A 106 9.94 -3.41 -20.34
C ASP A 106 9.59 -2.42 -21.46
N ASP A 107 8.79 -1.38 -21.21
CA ASP A 107 8.46 -0.43 -22.30
C ASP A 107 9.46 0.74 -22.23
N ARG A 108 9.47 1.63 -23.23
CA ARG A 108 10.46 2.74 -23.21
C ARG A 108 9.79 4.08 -23.49
N PRO A 109 10.27 5.15 -22.81
CA PRO A 109 9.72 6.51 -22.89
C PRO A 109 9.12 7.10 -24.16
N GLU A 110 9.91 7.26 -25.23
CA GLU A 110 9.37 7.89 -26.48
C GLU A 110 8.08 7.19 -26.93
N ALA A 111 8.00 5.87 -26.74
CA ALA A 111 6.79 5.10 -27.13
C ALA A 111 5.63 5.49 -26.21
N VAL A 112 5.86 5.44 -24.91
CA VAL A 112 4.86 5.78 -23.86
C VAL A 112 4.40 7.22 -24.00
N VAL A 113 5.32 8.17 -24.23
CA VAL A 113 4.92 9.60 -24.38
C VAL A 113 4.05 9.74 -25.63
N ASP A 114 4.40 9.07 -26.72
CA ASP A 114 3.59 9.17 -27.96
C ASP A 114 2.19 8.61 -27.69
N LEU A 115 2.11 7.53 -26.90
CA LEU A 115 0.80 6.90 -26.55
C LEU A 115 -0.13 7.89 -25.84
N LEU A 116 0.37 8.65 -24.85
CA LEU A 116 -0.55 9.60 -24.14
C LEU A 116 -0.90 10.75 -25.10
N LEU A 117 -0.02 11.08 -26.05
CA LEU A 117 -0.33 12.18 -27.03
C LEU A 117 -1.43 11.68 -27.97
N SER A 118 -1.56 10.35 -28.12
CA SER A 118 -2.60 9.73 -28.97
C SER A 118 -3.99 10.17 -28.51
N HIS A 119 -4.20 10.22 -27.20
CA HIS A 119 -5.50 10.65 -26.60
C HIS A 119 -5.65 12.18 -26.76
N ARG A 120 -4.60 12.84 -27.27
CA ARG A 120 -4.55 14.31 -27.50
C ARG A 120 -5.16 15.03 -26.30
N PRO A 121 -4.40 15.18 -25.19
CA PRO A 121 -4.89 15.85 -24.00
C PRO A 121 -4.77 17.38 -24.08
N ASP A 122 -5.55 18.09 -23.25
CA ASP A 122 -5.52 19.58 -23.22
C ASP A 122 -4.39 20.02 -22.28
N GLY A 123 -4.06 19.19 -21.30
CA GLY A 123 -3.00 19.45 -20.31
C GLY A 123 -2.28 18.16 -19.96
N ILE A 124 -1.00 18.24 -19.57
CA ILE A 124 -0.24 16.99 -19.25
C ILE A 124 0.44 17.10 -17.89
N ILE A 125 0.33 16.03 -17.09
CA ILE A 125 0.95 15.97 -15.74
C ILE A 125 1.89 14.77 -15.68
N PHE A 126 3.16 15.04 -15.38
CA PHE A 126 4.19 13.99 -15.19
C PHE A 126 4.26 13.76 -13.69
N THR A 127 4.14 12.50 -13.26
CA THR A 127 4.16 12.22 -11.80
C THR A 127 5.00 10.99 -11.48
N THR A 128 5.63 11.02 -10.32
CA THR A 128 6.44 9.90 -9.77
C THR A 128 5.78 9.52 -8.45
N GLY A 130 7.22 8.10 -6.11
CA GLY A 130 8.24 8.39 -5.11
C GLY A 130 9.01 9.65 -5.47
N LEU A 131 8.89 10.73 -4.65
CA LEU A 131 9.57 12.04 -4.91
C LEU A 131 10.97 11.79 -5.48
N ARG A 132 11.13 12.12 -6.77
CA ARG A 132 12.41 11.92 -7.50
C ARG A 132 12.74 13.23 -8.24
N GLN A 133 13.64 13.15 -9.23
CA GLN A 133 14.06 14.32 -10.05
C GLN A 133 13.81 14.03 -11.55
N VAL A 134 12.91 13.08 -11.84
CA VAL A 134 12.48 12.66 -13.22
C VAL A 134 13.39 12.23 -14.38
N PRO A 135 14.01 11.02 -14.32
CA PRO A 135 15.14 10.62 -15.15
C PRO A 135 14.71 10.32 -16.61
N LEU A 136 14.26 11.34 -17.34
CA LEU A 136 13.81 11.19 -18.75
C LEU A 136 14.53 12.18 -19.66
N PRO A 137 14.58 11.91 -20.99
CA PRO A 137 15.23 12.82 -21.94
C PRO A 137 14.71 14.26 -21.78
N GLU A 138 15.63 15.22 -21.84
CA GLU A 138 15.30 16.67 -21.70
C GLU A 138 14.28 17.10 -22.77
N LYS A 139 14.24 16.41 -23.90
CA LYS A 139 13.31 16.73 -25.02
C LYS A 139 11.88 16.29 -24.68
N LEU A 140 11.74 15.42 -23.67
CA LEU A 140 10.40 14.92 -23.24
C LEU A 140 9.88 15.74 -22.06
N LEU A 141 10.68 16.71 -21.57
CA LEU A 141 10.30 17.60 -20.44
C LEU A 141 9.87 18.98 -20.99
N THR A 142 9.33 18.99 -22.21
CA THR A 142 8.84 20.22 -22.90
C THR A 142 7.33 20.10 -23.12
N LEU A 143 6.81 18.87 -22.97
CA LEU A 143 5.37 18.54 -23.15
C LEU A 143 4.59 18.75 -21.85
N PRO A 144 5.11 18.34 -20.67
CA PRO A 144 4.38 18.48 -19.41
C PRO A 144 4.04 19.90 -18.95
N CYS A 145 2.74 20.19 -18.81
CA CYS A 145 2.32 21.53 -18.33
C CYS A 145 2.66 21.64 -16.83
N VAL A 146 2.70 20.52 -16.11
CA VAL A 146 2.99 20.53 -14.64
C VAL A 146 3.59 19.19 -14.18
N LEU A 147 4.47 19.25 -13.17
CA LEU A 147 5.16 18.07 -12.56
C LEU A 147 4.57 17.83 -11.16
N ALA A 148 4.19 16.59 -10.89
CA ALA A 148 3.60 16.25 -9.57
C ALA A 148 4.56 15.35 -8.80
N ASN A 149 4.99 15.82 -7.63
CA ASN A 149 5.87 15.04 -6.71
C ASN A 149 7.24 14.82 -7.35
N CYS A 150 7.66 15.69 -8.27
CA CYS A 150 9.00 15.56 -8.91
C CYS A 150 9.41 16.91 -9.51
N GLU A 151 10.72 17.13 -9.65
CA GLU A 151 11.29 18.40 -10.17
C GLU A 151 12.11 18.17 -11.45
N SER A 152 12.17 19.19 -12.31
CA SER A 152 12.94 19.13 -13.59
C SER A 152 14.30 19.81 -13.37
N LEU A 153 15.39 19.08 -13.56
CA LEU A 153 16.76 19.61 -13.39
C LEU A 153 17.10 20.62 -14.49
N SER A 154 16.73 20.30 -15.75
CA SER A 154 17.03 21.20 -16.90
C SER A 154 15.97 22.30 -17.06
N GLN A 155 14.97 22.11 -17.93
CA GLN A 155 13.93 23.17 -18.17
C GLN A 155 13.12 23.46 -16.91
N PRO A 156 12.70 24.73 -16.70
CA PRO A 156 11.88 25.10 -15.55
C PRO A 156 10.40 24.82 -15.88
N VAL A 157 9.74 23.99 -15.06
CA VAL A 157 8.30 23.63 -15.30
C VAL A 157 7.53 23.75 -13.98
N ALA A 158 6.25 24.17 -14.06
CA ALA A 158 5.42 24.28 -12.84
C ALA A 158 5.50 22.95 -12.09
N SER A 159 5.83 22.97 -10.79
CA SER A 159 5.97 21.72 -10.00
C SER A 159 5.29 21.85 -8.64
N TYR A 160 4.63 20.79 -8.19
CA TYR A 160 3.96 20.74 -6.86
C TYR A 160 4.60 19.57 -6.11
N ILE A 161 5.37 19.88 -5.06
CA ILE A 161 6.09 18.83 -4.27
C ILE A 161 5.79 19.02 -2.79
N PRO A 162 6.00 17.97 -1.96
CA PRO A 162 5.73 18.08 -0.54
C PRO A 162 6.76 18.99 0.15
N ASP A 163 6.34 19.69 1.20
CA ASP A 163 7.25 20.57 1.97
C ASP A 163 7.89 19.69 3.04
N ASP A 164 8.87 18.91 2.59
CA ASP A 164 9.64 17.95 3.42
C ASP A 164 10.27 18.66 4.62
N GLU A 165 10.85 19.86 4.41
CA GLU A 165 11.50 20.60 5.51
C GLU A 165 10.46 20.97 6.58
N GLN A 166 9.29 21.49 6.18
CA GLN A 166 8.23 21.86 7.15
C GLN A 166 7.71 20.61 7.88
N GLY A 167 7.47 19.53 7.12
CA GLY A 167 6.96 18.28 7.72
C GLY A 167 7.89 17.74 8.79
N GLN A 168 9.19 17.60 8.47
CA GLN A 168 10.13 17.05 9.47
C GLN A 168 10.25 18.00 10.66
N TYR A 169 10.21 19.31 10.38
CA TYR A 169 10.35 20.34 11.45
C TYR A 169 9.20 20.23 12.45
N ASP A 170 7.96 20.30 11.96
CA ASP A 170 6.80 20.21 12.89
C ASP A 170 6.89 18.92 13.70
N ALA A 171 7.31 17.81 13.07
CA ALA A 171 7.39 16.53 13.80
C ALA A 171 8.41 16.61 14.92
N VAL A 172 9.67 16.91 14.57
CA VAL A 172 10.79 16.98 15.56
C VAL A 172 10.50 18.07 16.61
N LYS A 173 9.85 19.16 16.21
CA LYS A 173 9.52 20.24 17.18
C LYS A 173 8.59 19.65 18.24
N ALA A 174 7.59 18.88 17.82
CA ALA A 174 6.62 18.26 18.74
C ALA A 174 7.33 17.28 19.66
N LEU A 175 8.24 16.48 19.11
CA LEU A 175 8.98 15.47 19.93
C LEU A 175 9.77 16.17 21.05
N LEU A 176 10.64 17.12 20.70
CA LEU A 176 11.46 17.86 21.69
C LEU A 176 10.55 18.57 22.70
N ALA A 177 9.51 19.24 22.20
CA ALA A 177 8.54 19.95 23.07
C ALA A 177 7.97 18.98 24.11
N ALA A 178 7.77 17.71 23.74
CA ALA A 178 7.19 16.70 24.66
C ALA A 178 8.20 16.30 25.73
N GLY A 179 9.47 16.72 25.62
CA GLY A 179 10.46 16.40 26.67
C GLY A 179 11.62 15.53 26.23
N TYR A 180 11.64 15.06 24.97
CA TYR A 180 12.76 14.20 24.52
C TYR A 180 13.97 15.10 24.17
N ARG A 181 15.19 14.56 24.28
CA ARG A 181 16.43 15.35 24.05
C ARG A 181 17.51 14.57 23.30
N ARG A 182 17.49 13.24 23.33
CA ARG A 182 18.58 12.45 22.68
C ARG A 182 18.02 11.48 21.65
N PRO A 183 17.41 11.96 20.55
CA PRO A 183 16.88 11.06 19.53
C PRO A 183 17.93 10.43 18.60
N LEU A 184 17.71 9.18 18.23
CA LEU A 184 18.55 8.48 17.22
C LEU A 184 17.88 8.85 15.90
N CYS A 185 18.63 9.39 14.95
CA CYS A 185 17.98 9.83 13.68
C CYS A 185 18.34 8.86 12.57
N LEU A 186 17.33 8.16 12.05
CA LEU A 186 17.54 7.18 10.96
C LEU A 186 16.98 7.78 9.67
N HIS A 187 17.89 8.25 8.82
CA HIS A 187 17.54 8.94 7.54
C HIS A 187 17.39 7.95 6.36
N LEU A 188 16.69 8.41 5.33
CA LEU A 188 16.48 7.65 4.07
C LEU A 188 17.75 7.79 3.24
N PRO A 189 17.87 7.14 2.07
CA PRO A 189 19.08 7.29 1.25
C PRO A 189 19.41 8.76 1.05
N ALA A 190 20.68 9.10 1.17
CA ALA A 190 21.19 10.49 1.09
C ALA A 190 20.85 11.19 -0.24
N SER A 191 21.07 10.52 -1.38
CA SER A 191 20.85 11.17 -2.71
C SER A 191 19.36 11.43 -2.97
N GLN A 192 18.45 10.70 -2.33
CA GLN A 192 17.00 10.99 -2.57
C GLN A 192 16.77 12.45 -2.23
N PRO A 193 16.17 13.22 -3.15
CA PRO A 193 15.97 14.66 -2.94
C PRO A 193 15.31 15.10 -1.62
N ALA A 194 14.39 14.30 -1.06
CA ALA A 194 13.73 14.73 0.19
C ALA A 194 14.64 14.59 1.41
N THR A 195 15.54 13.61 1.40
CA THR A 195 16.36 13.32 2.61
C THR A 195 17.06 14.56 3.19
N ILE A 196 17.70 15.37 2.34
CA ILE A 196 18.46 16.56 2.83
C ILE A 196 17.49 17.64 3.33
N ARG A 197 16.32 17.78 2.69
CA ARG A 197 15.32 18.79 3.11
C ARG A 197 14.74 18.40 4.47
N ARG A 198 14.43 17.11 4.67
CA ARG A 198 13.88 16.64 5.97
C ARG A 198 14.94 16.91 7.05
N ARG A 199 16.21 16.65 6.74
CA ARG A 199 17.26 16.87 7.77
C ARG A 199 17.38 18.37 8.10
N ARG A 200 17.17 19.27 7.14
CA ARG A 200 17.21 20.71 7.52
C ARG A 200 16.14 20.96 8.57
N GLY A 201 14.93 20.42 8.36
CA GLY A 201 13.81 20.60 9.31
C GLY A 201 14.17 20.07 10.68
N LEU A 202 14.72 18.87 10.73
CA LEU A 202 15.13 18.21 12.00
C LEU A 202 16.15 19.09 12.72
N GLU A 203 17.18 19.54 11.99
CA GLU A 203 18.27 20.38 12.54
C GLU A 203 17.71 21.70 13.07
N ARG A 204 16.82 22.34 12.30
CA ARG A 204 16.22 23.64 12.71
C ARG A 204 15.44 23.43 14.02
N ALA A 205 14.67 22.34 14.12
CA ALA A 205 13.91 22.07 15.36
C ALA A 205 14.89 21.89 16.52
N CYS A 206 15.92 21.06 16.32
CA CYS A 206 16.93 20.83 17.40
C CYS A 206 17.64 22.13 17.82
N ARG A 207 18.12 22.92 16.84
CA ARG A 207 18.84 24.16 17.21
C ARG A 207 17.90 25.14 17.94
N GLU A 208 16.64 25.25 17.51
CA GLU A 208 15.67 26.15 18.21
C GLU A 208 15.43 25.66 19.63
N ALA A 209 15.73 24.39 19.91
CA ALA A 209 15.53 23.84 21.28
C ALA A 209 16.84 23.84 22.06
N GLY A 210 17.88 24.48 21.52
CA GLY A 210 19.18 24.57 22.19
C GLY A 210 19.97 23.27 22.08
N ILE A 211 19.73 22.48 21.03
CA ILE A 211 20.44 21.17 20.82
C ILE A 211 21.23 21.24 19.51
N GLU A 212 22.50 20.84 19.53
CA GLU A 212 23.29 20.85 18.28
C GLU A 212 23.11 19.48 17.63
N PRO A 213 22.40 19.41 16.49
CA PRO A 213 22.13 18.12 15.86
C PRO A 213 23.40 17.34 15.50
N ASP A 214 24.53 18.01 15.30
CA ASP A 214 25.78 17.27 14.96
C ASP A 214 26.20 16.39 16.15
N HIS A 215 25.69 16.66 17.36
CA HIS A 215 26.09 15.85 18.54
C HIS A 215 25.21 14.60 18.70
N LEU A 216 24.15 14.47 17.90
CA LEU A 216 23.24 13.30 17.97
C LEU A 216 23.78 12.17 17.09
N SER A 217 23.23 10.97 17.25
CA SER A 217 23.61 9.79 16.44
C SER A 217 22.77 9.81 15.15
N HIS A 218 23.41 9.84 13.99
CA HIS A 218 22.72 9.83 12.68
C HIS A 218 23.13 8.59 11.88
N SER A 219 22.26 8.11 11.01
CA SER A 219 22.56 6.93 10.16
C SER A 219 21.77 7.05 8.87
N TYR A 220 22.39 6.70 7.75
CA TYR A 220 21.76 6.76 6.41
C TYR A 220 21.57 5.34 5.88
N GLY A 222 20.86 2.55 2.85
CA GLY A 222 21.35 2.35 1.50
C GLY A 222 20.15 2.21 0.57
N GLN A 223 20.29 2.55 -0.71
CA GLN A 223 19.16 2.45 -1.69
C GLN A 223 18.71 0.99 -1.87
N GLY A 224 17.40 0.73 -1.79
CA GLY A 224 16.85 -0.63 -1.96
C GLY A 224 16.17 -1.15 -0.70
N ASP A 225 15.03 -1.82 -0.86
CA ASP A 225 14.21 -2.39 0.25
C ASP A 225 14.99 -3.45 1.02
N GLU A 226 16.05 -3.99 0.42
CA GLU A 226 16.83 -5.03 1.15
C GLU A 226 17.52 -4.36 2.34
N HIS A 227 17.72 -3.04 2.28
CA HIS A 227 18.42 -2.30 3.38
C HIS A 227 17.51 -2.02 4.58
N TYR A 228 16.19 -2.15 4.43
CA TYR A 228 15.33 -1.95 5.63
C TYR A 228 15.75 -2.96 6.71
N HIS A 229 16.37 -4.08 6.32
CA HIS A 229 16.78 -5.09 7.33
C HIS A 229 18.09 -4.70 8.03
N ASP A 230 18.67 -3.52 7.72
CA ASP A 230 19.92 -3.08 8.40
C ASP A 230 19.55 -2.24 9.63
N ILE A 231 18.33 -1.73 9.67
CA ILE A 231 17.83 -0.87 10.78
C ILE A 231 17.98 -1.53 12.14
N PRO A 232 17.56 -2.79 12.35
CA PRO A 232 17.68 -3.42 13.67
C PRO A 232 19.13 -3.37 14.20
N ALA A 233 20.10 -3.70 13.36
CA ALA A 233 21.52 -3.67 13.79
C ALA A 233 21.90 -2.25 14.22
N VAL A 234 21.46 -1.24 13.48
CA VAL A 234 21.80 0.16 13.85
C VAL A 234 21.17 0.49 15.21
N VAL A 235 19.92 0.09 15.45
CA VAL A 235 19.25 0.39 16.76
C VAL A 235 19.98 -0.34 17.90
N LEU A 236 20.24 -1.64 17.76
CA LEU A 236 20.92 -2.44 18.82
C LEU A 236 22.34 -1.91 19.07
N ALA A 237 22.97 -1.35 18.03
CA ALA A 237 24.34 -0.81 18.17
C ALA A 237 24.33 0.37 19.16
N HIS A 238 23.19 1.05 19.30
CA HIS A 238 23.10 2.21 20.23
C HIS A 238 22.52 1.77 21.58
N ILE A 239 22.43 0.46 21.82
CA ILE A 239 21.92 -0.06 23.13
C ILE A 239 23.06 -0.81 23.82
N ARG A 240 23.47 -0.33 24.99
CA ARG A 240 24.57 -0.97 25.76
C ARG A 240 23.99 -1.68 27.00
N GLU A 241 24.11 -3.02 27.01
CA GLU A 241 23.67 -3.88 28.15
C GLU A 241 22.18 -3.68 28.43
N GLY A 242 21.35 -3.56 27.38
CA GLY A 242 19.90 -3.42 27.56
C GLY A 242 19.42 -1.97 27.68
N LYS A 243 20.26 -1.04 28.14
CA LYS A 243 19.81 0.37 28.27
C LYS A 243 20.17 1.15 27.00
N PRO A 244 19.19 1.78 26.33
CA PRO A 244 19.48 2.55 25.11
C PRO A 244 20.20 3.89 25.36
N GLY A 245 21.05 4.28 24.41
CA GLY A 245 21.81 5.55 24.45
C GLY A 245 21.06 6.65 23.72
N PHE A 246 19.74 6.52 23.68
CA PHE A 246 18.81 7.49 23.03
C PHE A 246 17.48 7.43 23.78
N ASP A 247 16.71 8.51 23.76
CA ASP A 247 15.40 8.51 24.50
C ASP A 247 14.26 8.49 23.47
N SER A 248 14.60 8.55 22.19
CA SER A 248 13.60 8.58 21.11
C SER A 248 14.23 8.17 19.77
N VAL A 249 13.40 8.00 18.74
CA VAL A 249 13.93 7.58 17.42
C VAL A 249 13.18 8.30 16.30
N ILE A 250 13.89 9.10 15.51
CA ILE A 250 13.23 9.82 14.39
C ILE A 250 13.46 8.95 13.15
N CYS A 251 12.36 8.46 12.56
CA CYS A 251 12.47 7.53 11.40
C CYS A 251 12.22 8.25 10.08
N GLY A 252 13.01 7.91 9.07
CA GLY A 252 12.87 8.50 7.73
C GLY A 252 11.49 8.24 7.15
N ASN A 253 10.88 7.10 7.50
CA ASN A 253 9.52 6.78 7.00
C ASN A 253 8.91 5.73 7.94
N ASP A 254 7.62 5.40 7.73
CA ASP A 254 6.90 4.43 8.60
C ASP A 254 7.49 3.02 8.43
N ARG A 255 8.08 2.73 7.28
CA ARG A 255 8.69 1.38 7.11
C ARG A 255 9.89 1.28 8.05
N ILE A 256 10.62 2.38 8.25
CA ILE A 256 11.77 2.33 9.21
C ILE A 256 11.17 2.17 10.60
N ALA A 257 10.10 2.91 10.90
CA ALA A 257 9.40 2.81 12.21
C ALA A 257 9.01 1.34 12.47
N PHE A 258 8.51 0.64 11.45
CA PHE A 258 8.12 -0.78 11.61
C PHE A 258 9.32 -1.58 12.13
N VAL A 260 11.91 -0.46 13.67
CA VAL A 260 12.24 0.07 14.99
C VAL A 260 11.32 -0.55 16.04
N TYR A 261 10.01 -0.54 15.79
CA TYR A 261 9.03 -1.15 16.74
C TYR A 261 9.40 -2.60 17.03
N GLN A 262 9.62 -3.40 15.98
CA GLN A 262 9.95 -4.84 16.15
C GLN A 262 11.23 -5.01 16.96
N THR A 263 12.25 -4.20 16.70
CA THR A 263 13.54 -4.30 17.43
C THR A 263 13.36 -3.91 18.89
N LEU A 264 12.73 -2.76 19.18
CA LEU A 264 12.56 -2.28 20.57
C LEU A 264 11.67 -3.24 21.39
N LEU A 265 10.49 -3.59 20.87
CA LEU A 265 9.60 -4.53 21.61
C LEU A 265 10.35 -5.84 21.85
N GLY A 266 11.06 -6.35 20.83
CA GLY A 266 11.81 -7.60 20.96
C GLY A 266 12.97 -7.46 21.94
N GLN A 267 13.33 -6.23 22.26
CA GLN A 267 14.46 -5.98 23.19
C GLN A 267 13.90 -5.82 24.61
N GLY A 268 12.56 -5.88 24.75
CA GLY A 268 11.90 -5.72 26.06
C GLY A 268 11.64 -4.26 26.41
N LEU A 269 11.83 -3.33 25.46
CA LEU A 269 11.58 -1.88 25.71
C LEU A 269 10.13 -1.51 25.39
N ARG A 270 9.61 -0.50 26.07
CA ARG A 270 8.20 -0.03 25.92
C ARG A 270 8.16 1.28 25.12
N ILE A 271 7.14 1.40 24.27
CA ILE A 271 6.92 2.61 23.43
C ILE A 271 5.62 3.26 23.89
N PRO A 272 5.63 4.54 24.36
CA PRO A 272 6.84 5.35 24.45
C PRO A 272 7.41 5.53 25.86
N GLN A 273 6.94 4.73 26.83
CA GLN A 273 7.38 4.86 28.24
C GLN A 273 8.91 4.80 28.36
N ASP A 274 9.56 3.97 27.54
CA ASP A 274 11.05 3.85 27.58
C ASP A 274 11.67 4.57 26.38
N VAL A 275 11.00 4.57 25.23
CA VAL A 275 11.55 5.18 23.99
C VAL A 275 10.43 5.69 23.09
N ALA A 276 10.43 6.99 22.80
CA ALA A 276 9.39 7.54 21.89
C ALA A 276 9.83 7.21 20.46
N VAL A 277 8.88 7.15 19.52
CA VAL A 277 9.19 6.83 18.10
C VAL A 277 8.34 7.75 17.21
N VAL A 278 8.91 8.21 16.09
CA VAL A 278 8.22 9.12 15.15
C VAL A 278 8.53 8.67 13.73
N GLY A 279 7.49 8.45 12.92
CA GLY A 279 7.69 8.00 11.54
C GLY A 279 7.46 9.14 10.56
N TYR A 280 7.24 8.81 9.29
CA TYR A 280 6.97 9.84 8.27
C TYR A 280 6.25 9.16 7.11
N ASP A 281 5.23 9.81 6.54
CA ASP A 281 4.42 9.34 5.37
C ASP A 281 2.97 9.00 5.75
N ASN A 282 2.75 8.38 6.90
CA ASN A 282 1.38 7.91 7.28
C ASN A 282 0.92 6.99 6.15
N VAL A 284 -0.71 4.62 3.86
CA VAL A 284 -2.11 4.21 3.80
C VAL A 284 -2.25 2.76 4.28
N GLY A 285 -1.22 1.92 4.01
CA GLY A 285 -1.24 0.49 4.40
C GLY A 285 -1.04 0.22 5.89
N ILE A 286 -0.54 1.19 6.69
CA ILE A 286 -0.32 0.95 8.15
C ILE A 286 -0.76 2.19 8.97
N GLY A 287 0.20 2.91 9.56
CA GLY A 287 -0.11 4.11 10.37
C GLY A 287 -0.93 3.79 11.61
N ASP A 288 -2.23 3.52 11.42
CA ASP A 288 -3.12 3.21 12.58
C ASP A 288 -2.91 1.77 13.05
N LEU A 289 -2.11 0.96 12.35
CA LEU A 289 -1.91 -0.43 12.82
C LEU A 289 -0.78 -0.51 13.86
N PHE A 290 -0.03 0.57 14.07
CA PHE A 290 1.07 0.52 15.07
C PHE A 290 0.49 0.42 16.48
N LEU A 291 1.21 -0.30 17.33
CA LEU A 291 0.85 -0.57 18.74
C LEU A 291 1.98 -0.08 19.64
N PRO A 292 1.94 1.16 20.19
CA PRO A 292 0.81 2.09 20.00
C PRO A 292 0.77 2.85 18.68
N PRO A 293 -0.39 3.48 18.35
CA PRO A 293 -0.55 4.22 17.09
C PRO A 293 0.64 5.16 16.88
N LEU A 294 1.27 5.04 15.71
CA LEU A 294 2.52 5.78 15.36
C LEU A 294 2.32 7.27 15.06
N SER A 295 3.04 8.14 15.78
CA SER A 295 3.03 9.60 15.50
C SER A 295 3.81 9.75 14.19
N THR A 296 3.23 10.38 13.18
CA THR A 296 3.92 10.45 11.86
C THR A 296 3.59 11.77 11.17
N VAL A 297 3.99 11.86 9.89
CA VAL A 297 3.72 13.08 9.07
C VAL A 297 3.01 12.59 7.80
N GLN A 298 1.96 13.28 7.41
CA GLN A 298 1.19 12.86 6.22
C GLN A 298 1.82 13.39 4.92
N LEU A 299 2.21 12.47 4.02
CA LEU A 299 2.68 12.92 2.68
C LEU A 299 1.43 13.42 1.97
N PRO A 300 1.40 14.69 1.52
CA PRO A 300 0.21 15.25 0.87
C PRO A 300 -0.04 14.79 -0.57
N HIS A 301 -0.01 13.48 -0.83
CA HIS A 301 -0.24 13.00 -2.21
C HIS A 301 -1.57 13.55 -2.74
N TYR A 302 -2.60 13.54 -1.90
CA TYR A 302 -3.93 14.04 -2.32
C TYR A 302 -3.87 15.53 -2.70
N ASP A 303 -3.32 16.39 -1.84
CA ASP A 303 -3.25 17.84 -2.21
C ASP A 303 -2.36 18.03 -3.43
N ILE A 304 -1.30 17.23 -3.57
CA ILE A 304 -0.37 17.38 -4.73
C ILE A 304 -1.17 17.15 -6.03
N GLY A 305 -1.95 16.07 -6.09
CA GLY A 305 -2.73 15.78 -7.31
C GLY A 305 -3.76 16.87 -7.57
N ARG A 306 -4.42 17.34 -6.52
CA ARG A 306 -5.47 18.39 -6.65
C ARG A 306 -4.85 19.66 -7.22
N LEU A 307 -3.82 20.20 -6.56
CA LEU A 307 -3.15 21.45 -7.01
C LEU A 307 -2.60 21.26 -8.43
N SER A 308 -2.12 20.06 -8.76
CA SER A 308 -1.59 19.85 -10.13
C SER A 308 -2.73 19.93 -11.14
N ALA A 309 -3.89 19.34 -10.82
CA ALA A 309 -5.05 19.37 -11.75
C ALA A 309 -5.56 20.80 -11.94
N LEU A 310 -5.71 21.55 -10.84
CA LEU A 310 -6.20 22.95 -10.92
C LEU A 310 -5.27 23.80 -11.79
N HIS A 311 -3.96 23.62 -11.65
CA HIS A 311 -2.97 24.40 -12.45
C HIS A 311 -3.35 24.32 -13.93
N ILE A 312 -3.76 23.14 -14.39
CA ILE A 312 -4.16 22.90 -15.81
C ILE A 312 -5.59 23.40 -16.04
N ILE A 313 -6.53 22.97 -15.19
CA ILE A 313 -7.95 23.40 -15.31
C ILE A 313 -8.03 24.92 -15.47
N HIS A 314 -7.40 25.68 -14.57
CA HIS A 314 -7.46 27.17 -14.62
C HIS A 314 -6.37 27.76 -15.55
N GLY A 315 -5.73 26.94 -16.39
CA GLY A 315 -4.71 27.38 -17.36
C GLY A 315 -3.68 28.36 -16.78
N ASP A 316 -3.00 27.98 -15.70
CA ASP A 316 -1.96 28.86 -15.12
C ASP A 316 -0.75 28.85 -16.04
N ASN A 317 0.11 29.87 -15.95
CA ASN A 317 1.30 29.97 -16.83
C ASN A 317 2.58 29.98 -16.00
N HIS A 318 2.49 30.20 -14.68
CA HIS A 318 3.74 30.22 -13.86
C HIS A 318 4.47 28.88 -13.99
N ARG A 319 5.76 28.89 -13.73
CA ARG A 319 6.62 27.69 -13.81
C ARG A 319 7.37 27.58 -12.48
N GLU A 320 6.70 27.95 -11.40
CA GLU A 320 7.30 27.91 -10.04
C GLU A 320 7.12 26.54 -9.39
N THR A 321 8.01 26.25 -8.44
CA THR A 321 8.01 25.01 -7.63
C THR A 321 7.29 25.35 -6.33
N ARG A 322 6.04 24.91 -6.18
CA ARG A 322 5.17 25.17 -5.00
C ARG A 322 5.34 24.00 -4.00
N LYS A 323 5.66 24.30 -2.74
CA LYS A 323 5.82 23.24 -1.72
C LYS A 323 4.49 23.06 -0.98
N VAL A 324 3.89 21.86 -1.07
CA VAL A 324 2.58 21.55 -0.43
C VAL A 324 2.77 21.16 1.04
N ALA A 325 1.86 21.61 1.89
CA ALA A 325 1.94 21.35 3.35
C ALA A 325 1.87 19.85 3.68
N SER A 326 2.80 19.42 4.52
CA SER A 326 2.91 18.02 5.00
C SER A 326 2.51 18.05 6.47
N PRO A 327 1.21 17.82 6.77
CA PRO A 327 0.71 17.91 8.15
C PRO A 327 1.13 16.82 9.14
N TRP A 328 1.53 17.27 10.33
CA TRP A 328 1.96 16.46 11.49
C TRP A 328 0.77 15.72 12.11
N LEU A 329 0.86 14.38 12.21
CA LEU A 329 -0.24 13.58 12.82
C LEU A 329 0.25 13.02 14.16
N PRO A 330 0.11 13.78 15.25
CA PRO A 330 0.52 13.27 16.56
C PRO A 330 -0.44 12.13 16.96
N ARG A 331 0.13 11.06 17.51
CA ARG A 331 -0.68 9.91 17.97
C ARG A 331 -0.19 9.51 19.36
N ALA A 332 0.15 8.23 19.57
CA ALA A 332 0.52 7.78 20.93
C ALA A 332 1.95 7.25 21.04
N SER A 333 2.78 7.37 20.01
CA SER A 333 4.17 6.83 20.06
C SER A 333 5.14 7.85 20.70
N HIS A 334 4.63 8.92 21.31
CA HIS A 334 5.54 9.91 21.96
C HIS A 334 4.87 10.48 23.20
N PRO B 64 -7.36 1.53 -32.81
CA PRO B 64 -7.03 0.29 -32.08
C PRO B 64 -8.08 -0.08 -31.01
N SER B 65 -8.16 -1.38 -30.69
CA SER B 65 -9.15 -1.90 -29.71
C SER B 65 -8.84 -1.39 -28.30
N THR B 66 -9.88 -1.09 -27.52
CA THR B 66 -9.68 -0.56 -26.15
C THR B 66 -10.50 -1.34 -25.10
N ILE B 67 -9.93 -1.52 -23.90
CA ILE B 67 -10.57 -2.21 -22.75
C ILE B 67 -10.96 -1.15 -21.71
N GLY B 68 -12.25 -1.03 -21.39
CA GLY B 68 -12.71 -0.08 -20.36
C GLY B 68 -12.73 -0.79 -19.02
N VAL B 69 -12.13 -0.20 -17.99
CA VAL B 69 -12.09 -0.86 -16.66
C VAL B 69 -12.81 0.01 -15.63
N LEU B 70 -13.66 -0.59 -14.80
CA LEU B 70 -14.40 0.14 -13.74
C LEU B 70 -13.91 -0.37 -12.39
N ALA B 71 -13.17 0.47 -11.65
CA ALA B 71 -12.67 0.10 -10.31
C ALA B 71 -13.69 0.62 -9.30
N LEU B 72 -14.31 -0.28 -8.54
CA LEU B 72 -15.41 0.07 -7.61
C LEU B 72 -14.87 0.64 -6.28
N ASP B 73 -13.68 0.29 -5.83
CA ASP B 73 -13.26 0.76 -4.47
C ASP B 73 -11.74 0.91 -4.34
N THR B 74 -11.07 1.48 -5.34
CA THR B 74 -9.58 1.64 -5.22
C THR B 74 -9.27 2.79 -4.25
N VAL B 75 -10.31 3.56 -3.88
CA VAL B 75 -10.19 4.70 -2.94
C VAL B 75 -9.90 4.21 -1.52
N THR B 76 -10.67 3.21 -1.06
CA THR B 76 -10.56 2.65 0.31
C THR B 76 -9.49 1.56 0.41
N THR B 77 -9.07 0.96 -0.71
CA THR B 77 -8.04 -0.12 -0.68
C THR B 77 -7.13 -0.03 -1.91
N PRO B 78 -6.20 0.95 -1.94
CA PRO B 78 -5.30 1.11 -3.08
C PRO B 78 -4.08 0.18 -3.03
N PHE B 79 -4.33 -1.10 -2.74
CA PHE B 79 -3.25 -2.12 -2.63
C PHE B 79 -3.35 -3.04 -3.84
N SER B 80 -4.60 -3.30 -4.24
CA SER B 80 -4.93 -4.20 -5.37
C SER B 80 -4.80 -3.47 -6.70
N VAL B 81 -4.05 -2.36 -6.73
CA VAL B 81 -3.85 -1.62 -8.00
C VAL B 81 -3.10 -2.52 -8.98
N GLU B 82 -2.49 -3.60 -8.46
CA GLU B 82 -1.74 -4.57 -9.31
C GLU B 82 -2.70 -5.17 -10.35
N ILE B 83 -4.01 -5.18 -10.07
CA ILE B 83 -5.01 -5.72 -11.02
C ILE B 83 -5.07 -4.81 -12.25
N THR B 84 -5.42 -3.53 -12.03
CA THR B 84 -5.53 -2.54 -13.14
C THR B 84 -4.18 -2.36 -13.84
N LEU B 85 -3.06 -2.41 -13.12
CA LEU B 85 -1.74 -2.29 -13.80
C LEU B 85 -1.56 -3.49 -14.73
N SER B 86 -1.80 -4.70 -14.22
CA SER B 86 -1.69 -5.94 -15.01
C SER B 86 -2.55 -5.87 -16.27
N ILE B 87 -3.78 -5.34 -16.14
CA ILE B 87 -4.70 -5.22 -17.31
C ILE B 87 -4.09 -4.29 -18.36
N GLU B 88 -3.63 -3.12 -17.92
CA GLU B 88 -3.03 -2.09 -18.81
C GLU B 88 -1.81 -2.66 -19.54
N GLU B 89 -0.95 -3.38 -18.81
CA GLU B 89 0.29 -3.98 -19.39
C GLU B 89 -0.06 -5.07 -20.40
N THR B 90 -0.99 -5.97 -20.04
CA THR B 90 -1.41 -7.09 -20.92
C THR B 90 -2.04 -6.54 -22.21
N ALA B 91 -2.90 -5.53 -22.11
CA ALA B 91 -3.56 -4.94 -23.30
C ALA B 91 -2.51 -4.34 -24.26
N ARG B 92 -1.49 -3.65 -23.73
CA ARG B 92 -0.46 -3.06 -24.64
C ARG B 92 0.39 -4.15 -25.29
N ALA B 93 0.61 -5.28 -24.60
CA ALA B 93 1.41 -6.39 -25.17
C ALA B 93 0.64 -7.08 -26.30
N HIS B 94 -0.59 -6.64 -26.58
CA HIS B 94 -1.43 -7.23 -27.66
C HIS B 94 -1.93 -6.15 -28.63
N GLY B 95 -1.38 -4.93 -28.53
CA GLY B 95 -1.77 -3.83 -29.44
C GLY B 95 -3.08 -3.17 -29.05
N TRP B 96 -3.53 -3.37 -27.81
CA TRP B 96 -4.80 -2.76 -27.30
C TRP B 96 -4.48 -1.58 -26.37
N ASN B 97 -5.48 -0.70 -26.18
CA ASN B 97 -5.38 0.45 -25.25
C ASN B 97 -6.22 0.10 -24.02
N SER B 98 -6.24 0.98 -23.02
CA SER B 98 -7.03 0.68 -21.81
C SER B 98 -7.13 1.93 -20.92
N PHE B 99 -8.32 2.22 -20.42
CA PHE B 99 -8.51 3.38 -19.52
C PHE B 99 -9.14 2.85 -18.23
N VAL B 100 -9.10 3.65 -17.17
CA VAL B 100 -9.67 3.19 -15.88
C VAL B 100 -10.54 4.30 -15.28
N VAL B 101 -11.78 3.93 -14.93
CA VAL B 101 -12.74 4.86 -14.28
C VAL B 101 -12.85 4.40 -12.82
N ASN B 102 -12.45 5.27 -11.89
CA ASN B 102 -12.49 4.93 -10.44
C ASN B 102 -13.78 5.49 -9.86
N PHE B 104 -15.60 6.83 -6.76
CA PHE B 104 -15.34 7.39 -5.45
C PHE B 104 -16.58 7.20 -4.58
N SER B 105 -16.56 7.75 -3.36
CA SER B 105 -17.73 7.60 -2.45
C SER B 105 -18.79 8.66 -2.76
N ASP B 106 -18.36 9.89 -3.02
CA ASP B 106 -19.25 11.05 -3.29
C ASP B 106 -19.98 10.95 -4.64
N ASP B 107 -19.51 10.15 -5.60
CA ASP B 107 -20.22 10.08 -6.91
C ASP B 107 -21.17 8.87 -6.87
N ARG B 108 -22.00 8.69 -7.90
CA ARG B 108 -22.99 7.58 -7.93
C ARG B 108 -22.90 6.79 -9.24
N PRO B 109 -23.11 5.46 -9.15
CA PRO B 109 -23.02 4.51 -10.27
C PRO B 109 -23.48 4.87 -11.69
N GLU B 110 -24.77 5.17 -11.88
CA GLU B 110 -25.30 5.47 -13.23
C GLU B 110 -24.44 6.53 -13.93
N ALA B 111 -23.94 7.52 -13.16
CA ALA B 111 -23.09 8.60 -13.73
C ALA B 111 -21.76 8.00 -14.20
N VAL B 112 -21.11 7.27 -13.30
CA VAL B 112 -19.78 6.61 -13.54
C VAL B 112 -19.89 5.60 -14.69
N VAL B 113 -20.95 4.78 -14.71
CA VAL B 113 -21.09 3.78 -15.81
C VAL B 113 -21.25 4.51 -17.15
N ASP B 114 -22.04 5.59 -17.17
CA ASP B 114 -22.24 6.34 -18.43
C ASP B 114 -20.88 6.89 -18.90
N LEU B 115 -20.07 7.37 -17.94
CA LEU B 115 -18.73 7.95 -18.24
C LEU B 115 -17.84 6.93 -18.96
N LEU B 116 -17.75 5.68 -18.50
CA LEU B 116 -16.86 4.70 -19.19
C LEU B 116 -17.47 4.33 -20.55
N LEU B 117 -18.80 4.40 -20.69
CA LEU B 117 -19.44 4.08 -22.00
C LEU B 117 -19.10 5.21 -22.98
N SER B 118 -18.81 6.41 -22.47
CA SER B 118 -18.45 7.59 -23.29
C SER B 118 -17.23 7.26 -24.16
N HIS B 119 -16.26 6.57 -23.58
CA HIS B 119 -15.02 6.17 -24.30
C HIS B 119 -15.33 5.03 -25.28
N ARG B 120 -16.58 4.52 -25.23
CA ARG B 120 -17.07 3.42 -26.11
C ARG B 120 -15.99 2.34 -26.21
N PRO B 121 -15.86 1.47 -25.17
CA PRO B 121 -14.86 0.42 -25.17
C PRO B 121 -15.31 -0.83 -25.94
N ASP B 122 -14.34 -1.67 -26.35
CA ASP B 122 -14.66 -2.92 -27.10
C ASP B 122 -14.97 -4.01 -26.09
N GLY B 123 -14.40 -3.91 -24.88
CA GLY B 123 -14.60 -4.87 -23.79
C GLY B 123 -14.66 -4.15 -22.45
N ILE B 124 -15.39 -4.68 -21.47
CA ILE B 124 -15.51 -4.00 -20.15
C ILE B 124 -15.18 -4.96 -19.00
N ILE B 125 -14.37 -4.47 -18.06
CA ILE B 125 -13.96 -5.26 -16.87
C ILE B 125 -14.37 -4.51 -15.61
N PHE B 126 -15.19 -5.18 -14.78
CA PHE B 126 -15.60 -4.62 -13.47
C PHE B 126 -14.65 -5.22 -12.44
N THR B 127 -14.02 -4.39 -11.62
CA THR B 127 -13.06 -4.93 -10.63
C THR B 127 -13.24 -4.25 -9.26
N THR B 128 -12.97 -5.03 -8.22
CA THR B 128 -13.01 -4.57 -6.81
C THR B 128 -11.60 -4.81 -6.28
N GLY B 130 -10.90 -5.16 -3.29
CA GLY B 130 -11.08 -6.13 -2.22
C GLY B 130 -12.16 -7.15 -2.61
N LEU B 131 -11.78 -8.42 -2.79
CA LEU B 131 -12.73 -9.51 -3.18
C LEU B 131 -14.08 -9.30 -2.49
N ARG B 132 -15.10 -8.91 -3.29
CA ARG B 132 -16.47 -8.67 -2.76
C ARG B 132 -17.45 -9.40 -3.70
N GLN B 133 -18.74 -9.05 -3.63
CA GLN B 133 -19.81 -9.67 -4.47
C GLN B 133 -20.50 -8.59 -5.33
N VAL B 134 -19.81 -7.45 -5.54
CA VAL B 134 -20.28 -6.28 -6.37
C VAL B 134 -21.60 -5.52 -6.23
N PRO B 135 -21.80 -4.71 -5.15
CA PRO B 135 -23.09 -4.20 -4.72
C PRO B 135 -23.64 -3.10 -5.65
N LEU B 136 -23.98 -3.47 -6.89
CA LEU B 136 -24.52 -2.52 -7.91
C LEU B 136 -25.83 -3.06 -8.47
N PRO B 137 -26.70 -2.18 -9.05
CA PRO B 137 -27.97 -2.61 -9.64
C PRO B 137 -27.79 -3.77 -10.62
N GLU B 138 -28.68 -4.77 -10.57
CA GLU B 138 -28.61 -5.97 -11.44
C GLU B 138 -28.63 -5.57 -12.93
N LYS B 139 -29.26 -4.44 -13.26
CA LYS B 139 -29.34 -3.97 -14.68
C LYS B 139 -28.00 -3.36 -15.12
N LEU B 140 -27.11 -3.10 -14.18
CA LEU B 140 -25.78 -2.50 -14.46
C LEU B 140 -24.73 -3.61 -14.60
N LEU B 141 -25.13 -4.87 -14.35
CA LEU B 141 -24.23 -6.07 -14.43
C LEU B 141 -24.52 -6.83 -15.73
N THR B 142 -24.92 -6.12 -16.79
CA THR B 142 -25.23 -6.71 -18.14
C THR B 142 -24.23 -6.19 -19.16
N LEU B 143 -23.50 -5.13 -18.79
CA LEU B 143 -22.48 -4.48 -19.64
C LEU B 143 -21.11 -5.15 -19.50
N PRO B 144 -20.66 -5.55 -18.28
CA PRO B 144 -19.34 -6.16 -18.10
C PRO B 144 -19.09 -7.49 -18.81
N CYS B 145 -18.11 -7.53 -19.71
CA CYS B 145 -17.75 -8.80 -20.41
C CYS B 145 -17.09 -9.75 -19.40
N VAL B 146 -16.41 -9.19 -18.39
CA VAL B 146 -15.70 -10.04 -17.37
C VAL B 146 -15.58 -9.31 -16.02
N LEU B 147 -15.58 -10.09 -14.93
CA LEU B 147 -15.45 -9.57 -13.55
C LEU B 147 -14.08 -9.97 -13.00
N ALA B 148 -13.36 -9.01 -12.41
CA ALA B 148 -12.03 -9.29 -11.85
C ALA B 148 -12.06 -9.16 -10.32
N ASN B 149 -11.77 -10.25 -9.62
CA ASN B 149 -11.69 -10.29 -8.13
C ASN B 149 -13.08 -10.03 -7.53
N CYS B 150 -14.15 -10.36 -8.25
CA CYS B 150 -15.53 -10.20 -7.70
C CYS B 150 -16.50 -11.10 -8.49
N GLU B 151 -17.61 -11.48 -7.84
CA GLU B 151 -18.64 -12.37 -8.45
C GLU B 151 -20.01 -11.68 -8.54
N SER B 152 -20.79 -12.09 -9.54
CA SER B 152 -22.17 -11.58 -9.76
C SER B 152 -23.16 -12.60 -9.16
N LEU B 153 -23.95 -12.14 -8.18
CA LEU B 153 -24.94 -13.01 -7.48
C LEU B 153 -26.10 -13.37 -8.42
N SER B 154 -26.60 -12.39 -9.19
CA SER B 154 -27.73 -12.59 -10.12
C SER B 154 -27.26 -13.17 -11.46
N GLN B 155 -27.07 -12.33 -12.50
CA GLN B 155 -26.66 -12.82 -13.84
C GLN B 155 -25.31 -13.52 -13.80
N PRO B 156 -25.11 -14.56 -14.64
CA PRO B 156 -23.84 -15.28 -14.72
C PRO B 156 -22.90 -14.53 -15.67
N VAL B 157 -21.72 -14.14 -15.18
CA VAL B 157 -20.72 -13.39 -16.00
C VAL B 157 -19.33 -14.03 -15.82
N ALA B 158 -18.52 -14.07 -16.88
CA ALA B 158 -17.16 -14.61 -16.78
C ALA B 158 -16.47 -13.92 -15.60
N SER B 159 -15.88 -14.69 -14.68
CA SER B 159 -15.21 -14.09 -13.49
C SER B 159 -13.87 -14.77 -13.20
N TYR B 160 -12.87 -13.99 -12.80
CA TYR B 160 -11.53 -14.51 -12.42
C TYR B 160 -11.29 -14.07 -10.96
N ILE B 161 -11.29 -15.03 -10.03
CA ILE B 161 -11.11 -14.73 -8.59
C ILE B 161 -9.99 -15.60 -8.01
N PRO B 162 -9.41 -15.21 -6.85
CA PRO B 162 -8.34 -15.99 -6.26
C PRO B 162 -8.88 -17.32 -5.69
N ASP B 163 -8.02 -18.35 -5.70
CA ASP B 163 -8.40 -19.67 -5.15
C ASP B 163 -8.03 -19.62 -3.67
N ASP B 164 -8.88 -18.94 -2.91
CA ASP B 164 -8.75 -18.75 -1.45
C ASP B 164 -8.63 -20.09 -0.71
N GLU B 165 -9.42 -21.09 -1.12
CA GLU B 165 -9.38 -22.42 -0.45
C GLU B 165 -8.00 -23.05 -0.67
N GLN B 166 -7.49 -23.03 -1.91
CA GLN B 166 -6.15 -23.62 -2.20
C GLN B 166 -5.05 -22.85 -1.45
N GLY B 167 -5.13 -21.52 -1.46
CA GLY B 167 -4.12 -20.69 -0.78
C GLY B 167 -4.04 -20.99 0.70
N GLN B 168 -5.18 -20.98 1.39
CA GLN B 168 -5.14 -21.21 2.86
C GLN B 168 -4.68 -22.66 3.13
N TYR B 169 -5.09 -23.60 2.27
CA TYR B 169 -4.71 -25.02 2.45
C TYR B 169 -3.20 -25.20 2.35
N ASP B 170 -2.59 -24.74 1.25
CA ASP B 170 -1.11 -24.89 1.10
C ASP B 170 -0.41 -24.26 2.30
N ALA B 171 -0.91 -23.11 2.77
CA ALA B 171 -0.25 -22.42 3.90
C ALA B 171 -0.32 -23.27 5.16
N VAL B 172 -1.54 -23.61 5.58
CA VAL B 172 -1.76 -24.40 6.83
C VAL B 172 -1.10 -25.78 6.70
N LYS B 173 -1.09 -26.35 5.49
CA LYS B 173 -0.45 -27.67 5.29
C LYS B 173 1.04 -27.54 5.63
N ALA B 174 1.67 -26.48 5.14
CA ALA B 174 3.11 -26.25 5.39
C ALA B 174 3.35 -26.05 6.88
N LEU B 175 2.48 -25.29 7.53
CA LEU B 175 2.66 -25.02 8.99
C LEU B 175 2.63 -26.34 9.78
N LEU B 176 1.58 -27.14 9.63
CA LEU B 176 1.42 -28.43 10.36
C LEU B 176 2.58 -29.36 10.00
N ALA B 177 2.90 -29.45 8.71
CA ALA B 177 4.03 -30.30 8.25
C ALA B 177 5.32 -29.91 8.99
N ALA B 178 5.50 -28.61 9.30
CA ALA B 178 6.71 -28.13 10.00
C ALA B 178 6.70 -28.56 11.48
N GLY B 179 5.59 -29.12 11.98
CA GLY B 179 5.56 -29.61 13.37
C GLY B 179 4.59 -28.88 14.29
N TYR B 180 3.89 -27.84 13.83
CA TYR B 180 2.94 -27.11 14.72
C TYR B 180 1.64 -27.92 14.81
N ARG B 181 0.91 -27.78 15.93
CA ARG B 181 -0.34 -28.57 16.18
C ARG B 181 -1.46 -27.75 16.82
N ARG B 182 -1.17 -26.66 17.52
CA ARG B 182 -2.24 -25.89 18.19
C ARG B 182 -2.27 -24.44 17.74
N PRO B 183 -2.61 -24.15 16.47
CA PRO B 183 -2.67 -22.77 16.03
C PRO B 183 -3.91 -21.98 16.46
N LEU B 184 -3.71 -20.70 16.76
CA LEU B 184 -4.82 -19.77 17.07
C LEU B 184 -5.24 -19.26 15.69
N CYS B 185 -6.50 -19.37 15.33
CA CYS B 185 -6.90 -18.95 13.97
C CYS B 185 -7.67 -17.64 14.05
N LEU B 186 -7.10 -16.58 13.47
CA LEU B 186 -7.73 -15.24 13.47
C LEU B 186 -8.25 -14.98 12.06
N HIS B 187 -9.57 -15.14 11.86
CA HIS B 187 -10.24 -14.99 10.54
C HIS B 187 -10.68 -13.56 10.28
N LEU B 188 -10.88 -13.25 8.99
CA LEU B 188 -11.36 -11.92 8.55
C LEU B 188 -12.87 -11.88 8.78
N PRO B 189 -13.57 -10.75 8.52
CA PRO B 189 -15.02 -10.70 8.73
C PRO B 189 -15.68 -11.90 8.05
N ALA B 190 -16.65 -12.50 8.75
CA ALA B 190 -17.36 -13.71 8.29
C ALA B 190 -18.09 -13.54 6.96
N SER B 191 -18.82 -12.44 6.76
CA SER B 191 -19.62 -12.25 5.52
C SER B 191 -18.72 -12.03 4.29
N GLN B 192 -17.48 -11.57 4.47
CA GLN B 192 -16.60 -11.40 3.28
C GLN B 192 -16.51 -12.77 2.60
N PRO B 193 -16.79 -12.83 1.28
CA PRO B 193 -16.81 -14.10 0.56
C PRO B 193 -15.58 -15.01 0.67
N ALA B 194 -14.39 -14.44 0.84
CA ALA B 194 -13.18 -15.28 0.91
C ALA B 194 -13.05 -15.97 2.28
N THR B 195 -13.54 -15.34 3.34
CA THR B 195 -13.33 -15.88 4.71
C THR B 195 -13.75 -17.34 4.85
N ILE B 196 -14.92 -17.71 4.35
CA ILE B 196 -15.44 -19.10 4.48
C ILE B 196 -14.63 -20.05 3.59
N ARG B 197 -14.17 -19.60 2.42
CA ARG B 197 -13.38 -20.45 1.49
C ARG B 197 -12.01 -20.73 2.12
N ARG B 198 -11.38 -19.71 2.70
CA ARG B 198 -10.08 -19.91 3.36
C ARG B 198 -10.25 -20.88 4.53
N ARG B 199 -11.34 -20.77 5.27
CA ARG B 199 -11.54 -21.70 6.42
C ARG B 199 -11.71 -23.13 5.89
N ARG B 200 -12.35 -23.33 4.72
CA ARG B 200 -12.43 -24.74 4.23
C ARG B 200 -11.01 -25.29 4.06
N GLY B 201 -10.12 -24.49 3.46
CA GLY B 201 -8.72 -24.89 3.21
C GLY B 201 -8.01 -25.22 4.52
N LEU B 202 -8.16 -24.34 5.51
CA LEU B 202 -7.53 -24.52 6.85
C LEU B 202 -8.01 -25.83 7.47
N GLU B 203 -9.32 -26.05 7.46
CA GLU B 203 -9.96 -27.25 8.06
C GLU B 203 -9.45 -28.51 7.35
N ARG B 204 -9.41 -28.48 6.02
CA ARG B 204 -8.97 -29.67 5.26
C ARG B 204 -7.50 -29.97 5.61
N ALA B 205 -6.66 -28.94 5.73
CA ALA B 205 -5.25 -29.19 6.10
C ALA B 205 -5.19 -29.82 7.50
N CYS B 206 -5.93 -29.25 8.46
CA CYS B 206 -5.96 -29.81 9.84
C CYS B 206 -6.49 -31.26 9.86
N ARG B 207 -7.62 -31.52 9.19
CA ARG B 207 -8.19 -32.90 9.22
C ARG B 207 -7.20 -33.89 8.58
N GLU B 208 -6.55 -33.51 7.48
CA GLU B 208 -5.56 -34.43 6.82
C GLU B 208 -4.39 -34.69 7.76
N ALA B 209 -4.19 -33.84 8.77
CA ALA B 209 -3.07 -34.01 9.72
C ALA B 209 -3.57 -34.67 11.01
N GLY B 210 -4.81 -35.13 11.02
CA GLY B 210 -5.37 -35.80 12.22
C GLY B 210 -5.75 -34.82 13.31
N ILE B 211 -6.08 -33.58 12.91
CA ILE B 211 -6.48 -32.51 13.89
C ILE B 211 -7.93 -32.09 13.59
N GLU B 212 -8.77 -32.05 14.63
CA GLU B 212 -10.17 -31.61 14.38
C GLU B 212 -10.18 -30.11 14.58
N PRO B 213 -10.37 -29.32 13.50
CA PRO B 213 -10.32 -27.87 13.61
C PRO B 213 -11.34 -27.30 14.61
N ASP B 214 -12.44 -28.01 14.86
CA ASP B 214 -13.44 -27.48 15.83
C ASP B 214 -12.82 -27.41 17.24
N HIS B 215 -11.72 -28.14 17.48
CA HIS B 215 -11.12 -28.13 18.84
C HIS B 215 -10.10 -27.00 19.00
N LEU B 216 -9.79 -26.29 17.92
CA LEU B 216 -8.83 -25.15 17.97
C LEU B 216 -9.58 -23.88 18.37
N SER B 217 -8.82 -22.83 18.72
CA SER B 217 -9.40 -21.52 19.10
C SER B 217 -9.57 -20.70 17.82
N HIS B 218 -10.80 -20.27 17.55
CA HIS B 218 -11.11 -19.43 16.35
C HIS B 218 -11.66 -18.07 16.79
N SER B 219 -11.42 -17.04 15.99
CA SER B 219 -11.95 -15.70 16.29
C SER B 219 -12.19 -14.98 14.96
N TYR B 220 -13.30 -14.25 14.88
CA TYR B 220 -13.67 -13.48 13.67
C TYR B 220 -13.58 -11.98 13.99
N GLY B 222 -14.33 -7.93 13.32
CA GLY B 222 -15.50 -7.15 12.96
C GLY B 222 -15.18 -6.33 11.72
N GLN B 223 -16.17 -6.00 10.89
CA GLN B 223 -15.95 -5.21 9.64
C GLN B 223 -15.44 -3.80 10.00
N GLY B 224 -14.37 -3.34 9.33
CA GLY B 224 -13.78 -2.01 9.57
C GLY B 224 -12.37 -2.09 10.15
N ASP B 225 -11.47 -1.22 9.66
CA ASP B 225 -10.03 -1.14 10.08
C ASP B 225 -9.91 -0.79 11.56
N GLU B 226 -10.99 -0.27 12.16
CA GLU B 226 -10.97 0.10 13.59
C GLU B 226 -10.77 -1.20 14.41
N HIS B 227 -11.23 -2.33 13.84
CA HIS B 227 -11.19 -3.64 14.55
C HIS B 227 -9.81 -4.28 14.52
N TYR B 228 -8.89 -3.85 13.65
CA TYR B 228 -7.53 -4.45 13.72
C TYR B 228 -6.96 -4.24 15.13
N HIS B 229 -7.44 -3.24 15.86
CA HIS B 229 -6.90 -2.99 17.22
C HIS B 229 -7.50 -3.95 18.26
N ASP B 230 -8.37 -4.88 17.83
CA ASP B 230 -8.98 -5.86 18.78
C ASP B 230 -8.10 -7.12 18.84
N ILE B 231 -7.26 -7.31 17.83
CA ILE B 231 -6.37 -8.51 17.72
C ILE B 231 -5.50 -8.69 18.95
N PRO B 232 -4.78 -7.66 19.46
CA PRO B 232 -3.94 -7.85 20.64
C PRO B 232 -4.69 -8.48 21.82
N ALA B 233 -5.89 -7.96 22.11
CA ALA B 233 -6.70 -8.49 23.24
C ALA B 233 -7.02 -9.97 23.00
N VAL B 234 -7.35 -10.33 21.75
CA VAL B 234 -7.68 -11.76 21.45
C VAL B 234 -6.43 -12.62 21.69
N VAL B 235 -5.26 -12.15 21.26
CA VAL B 235 -4.01 -12.96 21.45
C VAL B 235 -3.70 -13.10 22.94
N LEU B 236 -3.69 -12.00 23.69
CA LEU B 236 -3.37 -12.04 25.14
C LEU B 236 -4.40 -12.88 25.91
N ALA B 237 -5.63 -12.93 25.41
CA ALA B 237 -6.69 -13.73 26.08
C ALA B 237 -6.30 -15.22 26.04
N HIS B 238 -5.50 -15.64 25.05
CA HIS B 238 -5.10 -17.06 24.93
C HIS B 238 -3.72 -17.29 25.57
N ILE B 239 -3.23 -16.30 26.33
CA ILE B 239 -1.92 -16.44 27.05
C ILE B 239 -2.20 -16.43 28.54
N ARG B 240 -1.87 -17.52 29.23
CA ARG B 240 -2.08 -17.65 30.70
C ARG B 240 -0.74 -17.56 31.44
N GLU B 241 -0.56 -16.49 32.22
CA GLU B 241 0.64 -16.25 33.05
C GLU B 241 1.91 -16.24 32.19
N GLY B 242 1.86 -15.62 31.01
CA GLY B 242 3.05 -15.53 30.12
C GLY B 242 3.21 -16.68 29.15
N LYS B 243 2.67 -17.87 29.45
CA LYS B 243 2.81 -19.01 28.49
C LYS B 243 1.59 -19.09 27.58
N PRO B 244 1.76 -19.06 26.24
CA PRO B 244 0.63 -19.13 25.33
C PRO B 244 -0.01 -20.52 25.23
N GLY B 245 -1.34 -20.55 25.02
CA GLY B 245 -2.13 -21.80 24.86
C GLY B 245 -2.22 -22.19 23.39
N PHE B 246 -1.26 -21.74 22.59
CA PHE B 246 -1.18 -22.03 21.14
C PHE B 246 0.30 -22.08 20.76
N ASP B 247 0.65 -22.81 19.71
CA ASP B 247 2.08 -22.91 19.31
C ASP B 247 2.29 -22.13 18.01
N SER B 248 1.22 -21.61 17.44
CA SER B 248 1.29 -20.87 16.16
C SER B 248 0.08 -19.96 16.01
N VAL B 249 0.09 -19.12 14.97
CA VAL B 249 -1.05 -18.18 14.74
C VAL B 249 -1.33 -18.08 13.24
N ILE B 250 -2.53 -18.46 12.83
CA ILE B 250 -2.91 -18.33 11.40
C ILE B 250 -3.65 -17.01 11.28
N CYS B 251 -3.11 -16.08 10.50
CA CYS B 251 -3.70 -14.73 10.38
C CYS B 251 -4.50 -14.59 9.09
N GLY B 252 -5.65 -13.93 9.18
CA GLY B 252 -6.52 -13.70 8.02
C GLY B 252 -5.79 -12.91 6.95
N ASN B 253 -4.88 -12.03 7.36
CA ASN B 253 -4.10 -11.23 6.37
C ASN B 253 -2.82 -10.72 7.06
N ASP B 254 -1.92 -10.09 6.30
CA ASP B 254 -0.63 -9.59 6.85
C ASP B 254 -0.88 -8.45 7.85
N ARG B 255 -1.99 -7.73 7.71
CA ARG B 255 -2.29 -6.63 8.68
C ARG B 255 -2.56 -7.28 10.04
N ILE B 256 -3.22 -8.44 10.04
CA ILE B 256 -3.46 -9.14 11.35
C ILE B 256 -2.10 -9.60 11.88
N ALA B 257 -1.27 -10.16 11.00
CA ALA B 257 0.10 -10.61 11.37
C ALA B 257 0.85 -9.45 12.04
N PHE B 258 0.75 -8.24 11.50
CA PHE B 258 1.43 -7.05 12.08
C PHE B 258 1.03 -6.90 13.54
N VAL B 260 -0.20 -9.16 15.50
CA VAL B 260 0.25 -10.35 16.20
C VAL B 260 1.74 -10.20 16.55
N TYR B 261 2.56 -9.82 15.58
CA TYR B 261 4.02 -9.63 15.84
C TYR B 261 4.23 -8.64 16.99
N GLN B 262 3.59 -7.47 16.92
CA GLN B 262 3.76 -6.44 17.98
C GLN B 262 3.34 -6.98 19.36
N THR B 263 2.25 -7.72 19.41
CA THR B 263 1.73 -8.27 20.70
C THR B 263 2.70 -9.33 21.24
N LEU B 264 3.10 -10.31 20.40
CA LEU B 264 4.00 -11.41 20.86
C LEU B 264 5.38 -10.88 21.27
N LEU B 265 6.02 -10.07 20.42
CA LEU B 265 7.36 -9.52 20.77
C LEU B 265 7.23 -8.72 22.06
N GLY B 266 6.17 -7.91 22.19
CA GLY B 266 5.96 -7.11 23.41
C GLY B 266 5.66 -7.99 24.61
N GLN B 267 5.33 -9.26 24.36
CA GLN B 267 5.01 -10.18 25.47
C GLN B 267 6.29 -10.95 25.85
N GLY B 268 7.37 -10.71 25.12
CA GLY B 268 8.66 -11.39 25.38
C GLY B 268 8.74 -12.73 24.67
N LEU B 269 7.84 -13.00 23.74
CA LEU B 269 7.84 -14.30 23.00
C LEU B 269 8.68 -14.14 21.73
N ARG B 270 9.30 -15.24 21.28
CA ARG B 270 10.16 -15.25 20.08
C ARG B 270 9.45 -15.90 18.89
N ILE B 271 9.64 -15.33 17.71
CA ILE B 271 9.03 -15.84 16.45
C ILE B 271 10.16 -16.36 15.58
N PRO B 272 10.17 -17.65 15.18
CA PRO B 272 9.14 -18.62 15.56
C PRO B 272 9.55 -19.62 16.64
N GLN B 273 10.67 -19.38 17.34
CA GLN B 273 11.17 -20.34 18.37
C GLN B 273 10.08 -20.65 19.41
N ASP B 274 9.25 -19.67 19.78
CA ASP B 274 8.16 -19.89 20.78
C ASP B 274 6.80 -19.94 20.09
N VAL B 275 6.63 -19.17 19.02
CA VAL B 275 5.31 -19.12 18.32
C VAL B 275 5.50 -18.86 16.83
N ALA B 276 5.07 -19.79 15.98
CA ALA B 276 5.18 -19.59 14.53
C ALA B 276 4.02 -18.66 14.12
N VAL B 277 4.18 -17.92 13.02
CA VAL B 277 3.10 -17.00 12.55
C VAL B 277 3.00 -17.10 11.03
N VAL B 278 1.78 -17.01 10.50
CA VAL B 278 1.53 -17.13 9.03
C VAL B 278 0.48 -16.10 8.65
N GLY B 279 0.77 -15.28 7.65
CA GLY B 279 -0.16 -14.23 7.19
C GLY B 279 -0.83 -14.62 5.91
N TYR B 280 -1.39 -13.64 5.19
CA TYR B 280 -2.06 -13.93 3.90
C TYR B 280 -2.10 -12.61 3.13
N ASP B 281 -1.83 -12.66 1.81
CA ASP B 281 -1.87 -11.49 0.87
C ASP B 281 -0.47 -11.11 0.34
N ASN B 282 0.55 -11.14 1.19
CA ASN B 282 1.91 -10.67 0.79
C ASN B 282 1.74 -9.22 0.31
N VAL B 284 2.19 -5.78 -0.80
CA VAL B 284 3.32 -5.16 -1.48
C VAL B 284 4.01 -4.17 -0.52
N GLY B 285 3.23 -3.54 0.37
CA GLY B 285 3.73 -2.54 1.34
C GLY B 285 4.56 -3.12 2.49
N ILE B 286 4.49 -4.44 2.77
CA ILE B 286 5.28 -5.03 3.90
C ILE B 286 5.86 -6.40 3.46
N GLY B 287 5.37 -7.50 4.04
CA GLY B 287 5.86 -8.85 3.71
C GLY B 287 7.32 -9.05 4.10
N ASP B 288 8.24 -8.46 3.32
CA ASP B 288 9.69 -8.63 3.61
C ASP B 288 10.12 -7.73 4.78
N LEU B 289 9.23 -6.86 5.29
CA LEU B 289 9.69 -5.99 6.40
C LEU B 289 9.50 -6.68 7.76
N PHE B 290 8.83 -7.84 7.79
CA PHE B 290 8.64 -8.55 9.08
C PHE B 290 9.99 -9.09 9.59
N LEU B 291 10.13 -9.09 10.91
CA LEU B 291 11.35 -9.57 11.61
C LEU B 291 10.95 -10.68 12.58
N PRO B 292 11.05 -11.98 12.21
CA PRO B 292 11.57 -12.41 10.90
C PRO B 292 10.61 -12.32 9.72
N PRO B 293 11.14 -12.40 8.46
CA PRO B 293 10.32 -12.32 7.26
C PRO B 293 9.10 -13.24 7.37
N LEU B 294 7.92 -12.66 7.19
CA LEU B 294 6.60 -13.33 7.36
C LEU B 294 6.26 -14.35 6.27
N SER B 295 5.98 -15.60 6.68
CA SER B 295 5.51 -16.65 5.74
C SER B 295 4.07 -16.24 5.40
N THR B 296 3.73 -16.12 4.11
CA THR B 296 2.38 -15.64 3.75
C THR B 296 1.90 -16.31 2.46
N VAL B 297 0.78 -15.83 1.92
CA VAL B 297 0.22 -16.35 0.65
C VAL B 297 0.05 -15.15 -0.29
N GLN B 298 0.46 -15.31 -1.54
CA GLN B 298 0.37 -14.20 -2.51
C GLN B 298 -1.01 -14.09 -3.14
N LEU B 299 -1.70 -12.95 -2.95
CA LEU B 299 -2.98 -12.73 -3.66
C LEU B 299 -2.59 -12.52 -5.12
N PRO B 300 -3.11 -13.34 -6.06
CA PRO B 300 -2.74 -13.23 -7.48
C PRO B 300 -3.36 -12.05 -8.24
N HIS B 301 -3.28 -10.84 -7.68
CA HIS B 301 -3.87 -9.67 -8.38
C HIS B 301 -3.32 -9.56 -9.80
N TYR B 302 -2.02 -9.79 -9.97
CA TYR B 302 -1.40 -9.68 -11.32
C TYR B 302 -1.99 -10.72 -12.28
N ASP B 303 -2.04 -12.00 -11.88
CA ASP B 303 -2.62 -13.01 -12.81
C ASP B 303 -4.11 -12.73 -13.05
N ILE B 304 -4.81 -12.22 -12.04
CA ILE B 304 -6.26 -11.93 -12.20
C ILE B 304 -6.45 -10.89 -13.31
N GLY B 305 -5.69 -9.80 -13.28
CA GLY B 305 -5.81 -8.76 -14.31
C GLY B 305 -5.45 -9.29 -15.69
N ARG B 306 -4.38 -10.09 -15.76
CA ARG B 306 -3.91 -10.65 -17.05
C ARG B 306 -5.01 -11.52 -17.65
N LEU B 307 -5.45 -12.55 -16.91
CA LEU B 307 -6.51 -13.48 -17.40
C LEU B 307 -7.78 -12.70 -17.77
N SER B 308 -8.09 -11.64 -17.01
CA SER B 308 -9.31 -10.86 -17.34
C SER B 308 -9.11 -10.15 -18.68
N ALA B 309 -7.93 -9.58 -18.92
CA ALA B 309 -7.67 -8.86 -20.18
C ALA B 309 -7.71 -9.83 -21.38
N LEU B 310 -7.05 -10.98 -21.25
CA LEU B 310 -7.01 -11.98 -22.35
C LEU B 310 -8.43 -12.43 -22.69
N HIS B 311 -9.28 -12.65 -21.68
CA HIS B 311 -10.68 -13.10 -21.91
C HIS B 311 -11.34 -12.18 -22.95
N ILE B 312 -11.08 -10.87 -22.85
CA ILE B 312 -11.64 -9.86 -23.79
C ILE B 312 -10.84 -9.85 -25.09
N ILE B 313 -9.52 -9.73 -24.99
CA ILE B 313 -8.64 -9.70 -26.19
C ILE B 313 -8.99 -10.86 -27.12
N HIS B 314 -9.02 -12.10 -26.61
CA HIS B 314 -9.32 -13.29 -27.44
C HIS B 314 -10.82 -13.56 -27.58
N GLY B 315 -11.67 -12.58 -27.23
CA GLY B 315 -13.14 -12.68 -27.35
C GLY B 315 -13.72 -14.01 -26.88
N ASP B 316 -13.46 -14.40 -25.63
CA ASP B 316 -14.04 -15.67 -25.10
C ASP B 316 -15.54 -15.46 -24.88
N ASN B 317 -16.31 -16.56 -24.84
CA ASN B 317 -17.78 -16.45 -24.66
C ASN B 317 -18.23 -17.17 -23.38
N HIS B 318 -17.37 -18.00 -22.78
CA HIS B 318 -17.79 -18.71 -21.54
C HIS B 318 -18.15 -17.68 -20.47
N ARG B 319 -18.95 -18.08 -19.50
CA ARG B 319 -19.38 -17.20 -18.38
C ARG B 319 -19.08 -17.96 -17.09
N GLU B 320 -17.96 -18.69 -17.08
CA GLU B 320 -17.54 -19.47 -15.90
C GLU B 320 -16.72 -18.62 -14.93
N THR B 321 -16.71 -19.06 -13.67
CA THR B 321 -15.94 -18.45 -12.56
C THR B 321 -14.66 -19.29 -12.44
N ARG B 322 -13.54 -18.73 -12.90
CA ARG B 322 -12.21 -19.38 -12.86
C ARG B 322 -11.48 -18.99 -11.56
N LYS B 323 -10.99 -19.96 -10.79
CA LYS B 323 -10.23 -19.66 -9.55
C LYS B 323 -8.74 -19.63 -9.87
N VAL B 324 -8.10 -18.46 -9.69
CA VAL B 324 -6.64 -18.28 -9.99
C VAL B 324 -5.77 -18.75 -8.82
N ALA B 325 -4.63 -19.37 -9.14
CA ALA B 325 -3.69 -19.92 -8.13
C ALA B 325 -3.14 -18.83 -7.20
N SER B 326 -3.23 -19.10 -5.89
CA SER B 326 -2.74 -18.21 -4.81
C SER B 326 -1.52 -18.91 -4.21
N PRO B 327 -0.31 -18.59 -4.73
CA PRO B 327 0.92 -19.27 -4.29
C PRO B 327 1.42 -18.95 -2.88
N TRP B 328 1.77 -20.03 -2.16
CA TRP B 328 2.33 -20.03 -0.79
C TRP B 328 3.77 -19.49 -0.81
N LEU B 329 4.05 -18.45 -0.02
CA LEU B 329 5.42 -17.89 0.06
C LEU B 329 6.02 -18.22 1.43
N PRO B 330 6.66 -19.39 1.59
CA PRO B 330 7.28 -19.72 2.85
C PRO B 330 8.49 -18.79 3.07
N ARG B 331 8.64 -18.31 4.30
CA ARG B 331 9.78 -17.42 4.65
C ARG B 331 10.36 -17.94 5.97
N ALA B 332 10.51 -17.09 6.98
CA ALA B 332 11.17 -17.53 8.24
C ALA B 332 10.29 -17.43 9.48
N SER B 333 9.00 -17.14 9.33
CA SER B 333 8.10 -17.03 10.52
C SER B 333 7.56 -18.40 10.95
N HIS B 334 8.13 -19.49 10.43
CA HIS B 334 7.66 -20.85 10.83
C HIS B 334 8.83 -21.83 10.73
#